data_8T0P
#
_entry.id   8T0P
#
_cell.length_a   154.305
_cell.length_b   154.305
_cell.length_c   37.114
_cell.angle_alpha   90.00
_cell.angle_beta   90.00
_cell.angle_gamma   90.00
#
_symmetry.space_group_name_H-M   'P 42 21 2'
#
loop_
_entity.id
_entity.type
_entity.pdbx_description
1 polymer 'Inner kinetochore subunit AME1'
2 polymer 'Inner kinetochore subunit OKP1'
3 polymer 'Histone H3-like centromeric protein CSE4'
4 non-polymer 'SULFATE ION'
5 water water
#
loop_
_entity_poly.entity_id
_entity_poly.type
_entity_poly.pdbx_seq_one_letter_code
_entity_poly.pdbx_strand_id
1 'polypeptide(L)'
;LSSSITSVTTIDVLSSLFINLFENDLIPQALKDFNKSDDDQFRKLLYKLDLRLFQTISDQMTRDLKDILDINVSNNELCY
QLKQVLARKEDLNQQIISVRNEIQELK
;
B
2 'polypeptide(L)'
;SVRPWEFRKVIQAEYRERLPRNYELKHWKKPSKIMIGSILRLLETNTVSALDSVFEKYEKEMNQMTHGDNNEVKRIYSKK
ERLLEIILTKIKKKLRQAKFPSRISERDLDIEYIYSKRQFIQNRYSQELQNNERLEAILSREQNLLEETRKL
;
A
3 'polypeptide(L)' QSINDRALSLLQRTRATK C
#
loop_
_chem_comp.id
_chem_comp.type
_chem_comp.name
_chem_comp.formula
SO4 non-polymer 'SULFATE ION' 'O4 S -2'
#
# COMPACT_ATOMS: atom_id res chain seq x y z
N LEU A 1 4.56 18.30 2.96
CA LEU A 1 4.48 16.92 2.40
C LEU A 1 5.83 16.38 1.87
N SER A 2 6.93 17.13 2.06
CA SER A 2 8.21 16.73 1.48
C SER A 2 8.92 15.57 2.21
N SER A 3 8.71 15.37 3.51
CA SER A 3 9.48 14.29 4.16
C SER A 3 9.05 12.90 3.66
N SER A 4 7.79 12.75 3.28
CA SER A 4 7.33 11.44 2.88
C SER A 4 7.18 11.30 1.38
N ILE A 5 7.50 12.32 0.59
CA ILE A 5 7.10 12.28 -0.83
C ILE A 5 7.81 11.15 -1.58
N THR A 6 9.06 10.88 -1.26
CA THR A 6 9.76 9.80 -2.00
C THR A 6 9.17 8.42 -1.65
N SER A 7 8.76 8.21 -0.39
CA SER A 7 8.12 6.95 -0.01
C SER A 7 6.74 6.78 -0.65
N VAL A 8 5.92 7.86 -0.67
CA VAL A 8 4.63 7.82 -1.37
C VAL A 8 4.85 7.51 -2.85
N THR A 9 5.82 8.19 -3.46
CA THR A 9 6.14 7.97 -4.87
C THR A 9 6.50 6.50 -5.13
N THR A 10 7.25 5.86 -4.23
CA THR A 10 7.62 4.45 -4.38
C THR A 10 6.39 3.58 -4.64
N ILE A 11 5.31 3.86 -3.90
CA ILE A 11 4.08 3.05 -4.08
C ILE A 11 3.54 3.23 -5.48
N ASP A 12 3.49 4.48 -5.95
CA ASP A 12 3.06 4.71 -7.35
C ASP A 12 4.00 4.08 -8.37
N VAL A 13 5.31 4.15 -8.12
CA VAL A 13 6.28 3.54 -9.05
C VAL A 13 5.99 2.04 -9.17
N LEU A 14 5.80 1.39 -8.02
CA LEU A 14 5.50 -0.06 -8.06
C LEU A 14 4.17 -0.33 -8.79
N SER A 15 3.14 0.46 -8.51
CA SER A 15 1.88 0.26 -9.21
C SER A 15 2.07 0.38 -10.72
N SER A 16 2.83 1.39 -11.15
CA SER A 16 3.08 1.58 -12.59
C SER A 16 3.92 0.43 -13.16
N LEU A 17 4.90 -0.05 -12.39
CA LEU A 17 5.73 -1.18 -12.79
C LEU A 17 4.86 -2.39 -13.13
N PHE A 18 3.87 -2.70 -12.27
CA PHE A 18 3.06 -3.90 -12.51
C PHE A 18 1.97 -3.68 -13.56
N ILE A 19 1.42 -2.47 -13.64
CA ILE A 19 0.53 -2.22 -14.79
C ILE A 19 1.32 -2.40 -16.09
N ASN A 20 2.55 -1.88 -16.16
CA ASN A 20 3.35 -2.04 -17.37
C ASN A 20 3.60 -3.52 -17.67
N LEU A 21 4.03 -4.27 -16.65
CA LEU A 21 4.30 -5.69 -16.85
C LEU A 21 3.05 -6.42 -17.34
N PHE A 22 1.92 -6.25 -16.65
CA PHE A 22 0.74 -7.02 -17.08
C PHE A 22 0.09 -6.49 -18.35
N GLU A 23 -0.17 -5.18 -18.43
CA GLU A 23 -0.92 -4.64 -19.56
C GLU A 23 -0.08 -4.50 -20.81
N ASN A 24 1.23 -4.31 -20.67
CA ASN A 24 2.08 -4.07 -21.86
C ASN A 24 2.98 -5.27 -22.15
N ASP A 25 2.77 -6.39 -21.46
CA ASP A 25 3.58 -7.59 -21.78
C ASP A 25 2.74 -8.87 -21.63
N LEU A 26 2.51 -9.30 -20.39
CA LEU A 26 1.83 -10.59 -20.16
C LEU A 26 0.49 -10.67 -20.89
N ILE A 27 -0.30 -9.61 -20.85
CA ILE A 27 -1.65 -9.65 -21.41
C ILE A 27 -1.57 -9.59 -22.93
N PRO A 28 -0.77 -8.69 -23.54
CA PRO A 28 -0.63 -8.77 -25.00
C PRO A 28 -0.15 -10.13 -25.50
N GLN A 29 0.78 -10.79 -24.79
CA GLN A 29 1.25 -12.09 -25.26
C GLN A 29 0.15 -13.14 -25.13
N ALA A 30 -0.63 -13.11 -24.05
CA ALA A 30 -1.74 -14.04 -23.97
C ALA A 30 -2.77 -13.79 -25.08
N LEU A 31 -2.97 -12.52 -25.43
CA LEU A 31 -3.90 -12.21 -26.54
C LEU A 31 -3.31 -12.79 -27.82
N LYS A 32 -2.03 -12.53 -28.06
CA LYS A 32 -1.41 -13.00 -29.29
C LYS A 32 -1.59 -14.50 -29.45
N ASP A 33 -1.58 -15.22 -28.33
CA ASP A 33 -1.82 -16.65 -28.40
C ASP A 33 -3.29 -16.97 -28.62
N PHE A 34 -4.18 -16.27 -27.92
CA PHE A 34 -5.60 -16.59 -27.95
C PHE A 34 -6.21 -16.28 -29.32
N ASN A 35 -5.80 -15.17 -29.93
CA ASN A 35 -6.28 -14.88 -31.29
C ASN A 35 -5.79 -15.92 -32.28
N LYS A 36 -4.62 -16.51 -32.03
CA LYS A 36 -4.01 -17.47 -32.95
C LYS A 36 -4.54 -18.89 -32.83
N SER A 37 -5.52 -19.15 -31.95
CA SER A 37 -5.87 -20.51 -31.54
C SER A 37 -7.30 -20.90 -31.95
N ASP A 38 -7.73 -20.48 -33.14
CA ASP A 38 -9.07 -20.83 -33.60
C ASP A 38 -9.18 -22.28 -34.07
N ASP A 39 -8.06 -23.00 -34.21
CA ASP A 39 -8.07 -24.42 -34.66
C ASP A 39 -8.27 -25.34 -33.47
N ASP A 40 -7.69 -25.01 -32.32
CA ASP A 40 -7.76 -25.79 -31.09
C ASP A 40 -8.63 -25.04 -30.08
N GLN A 41 -9.88 -25.49 -29.94
CA GLN A 41 -10.85 -24.81 -29.07
C GLN A 41 -10.46 -24.93 -27.59
N PHE A 42 -9.89 -26.07 -27.21
CA PHE A 42 -9.35 -26.21 -25.87
C PHE A 42 -8.26 -25.17 -25.59
N ARG A 43 -7.24 -25.09 -26.45
CA ARG A 43 -6.19 -24.13 -26.13
C ARG A 43 -6.70 -22.70 -26.23
N LYS A 44 -7.68 -22.43 -27.12
CA LYS A 44 -8.32 -21.12 -27.12
C LYS A 44 -8.89 -20.78 -25.75
N LEU A 45 -9.69 -21.69 -25.17
CA LEU A 45 -10.21 -21.46 -23.84
C LEU A 45 -9.11 -21.25 -22.80
N LEU A 46 -8.05 -22.05 -22.86
CA LEU A 46 -7.00 -21.94 -21.84
C LEU A 46 -6.26 -20.60 -21.95
N TYR A 47 -5.94 -20.18 -23.19
CA TYR A 47 -5.37 -18.84 -23.37
C TYR A 47 -6.31 -17.75 -22.87
N LYS A 48 -7.62 -17.95 -23.04
CA LYS A 48 -8.59 -17.03 -22.47
C LYS A 48 -8.48 -16.99 -20.96
N LEU A 49 -8.30 -18.17 -20.33
CA LEU A 49 -8.11 -18.21 -18.88
C LEU A 49 -6.89 -17.38 -18.49
N ASP A 50 -5.78 -17.55 -19.22
CA ASP A 50 -4.59 -16.73 -18.98
C ASP A 50 -4.92 -15.24 -19.04
N LEU A 51 -5.64 -14.82 -20.10
CA LEU A 51 -6.06 -13.43 -20.25
C LEU A 51 -6.78 -12.90 -19.01
N ARG A 52 -7.81 -13.63 -18.60
CA ARG A 52 -8.63 -13.22 -17.47
C ARG A 52 -7.81 -13.24 -16.18
N LEU A 53 -6.89 -14.18 -16.06
CA LEU A 53 -6.12 -14.34 -14.84
C LEU A 53 -5.17 -13.15 -14.68
N PHE A 54 -4.46 -12.80 -15.77
CA PHE A 54 -3.55 -11.65 -15.74
C PHE A 54 -4.31 -10.34 -15.53
N GLN A 55 -5.47 -10.18 -16.20
CA GLN A 55 -6.20 -8.94 -16.02
C GLN A 55 -6.75 -8.83 -14.60
N THR A 56 -7.25 -9.92 -14.03
CA THR A 56 -7.74 -9.86 -12.66
C THR A 56 -6.62 -9.50 -11.70
N ILE A 57 -5.48 -10.18 -11.82
CA ILE A 57 -4.35 -9.94 -10.93
C ILE A 57 -3.88 -8.51 -11.05
N SER A 58 -3.73 -8.03 -12.28
CA SER A 58 -3.25 -6.66 -12.49
C SER A 58 -4.21 -5.64 -11.88
N ASP A 59 -5.52 -5.78 -12.14
CA ASP A 59 -6.44 -4.80 -11.58
C ASP A 59 -6.42 -4.81 -10.08
N GLN A 60 -6.33 -6.01 -9.48
CA GLN A 60 -6.40 -6.09 -8.02
C GLN A 60 -5.11 -5.58 -7.36
N MET A 61 -3.97 -5.84 -8.01
CA MET A 61 -2.70 -5.27 -7.58
C MET A 61 -2.82 -3.76 -7.52
N THR A 62 -3.35 -3.14 -8.59
CA THR A 62 -3.48 -1.69 -8.60
C THR A 62 -4.38 -1.21 -7.45
N ARG A 63 -5.49 -1.89 -7.23
CA ARG A 63 -6.38 -1.51 -6.13
C ARG A 63 -5.68 -1.64 -4.77
N ASP A 64 -4.93 -2.73 -4.55
CA ASP A 64 -4.27 -2.93 -3.25
C ASP A 64 -3.13 -1.95 -3.04
N LEU A 65 -2.36 -1.64 -4.11
CA LEU A 65 -1.34 -0.61 -3.94
C LEU A 65 -1.95 0.78 -3.73
N LYS A 66 -3.15 1.03 -4.28
CA LYS A 66 -3.79 2.32 -4.03
C LYS A 66 -4.28 2.38 -2.59
N ASP A 67 -4.74 1.26 -2.07
CA ASP A 67 -5.09 1.13 -0.65
C ASP A 67 -3.91 1.50 0.22
N ILE A 68 -2.76 0.87 -0.04
CA ILE A 68 -1.54 1.14 0.70
C ILE A 68 -1.12 2.61 0.57
N LEU A 69 -1.24 3.17 -0.63
CA LEU A 69 -0.93 4.59 -0.77
C LEU A 69 -1.90 5.43 0.07
N ASP A 70 -3.21 5.13 -0.02
CA ASP A 70 -4.17 5.96 0.72
C ASP A 70 -3.93 5.87 2.23
N ILE A 71 -3.61 4.68 2.71
CA ILE A 71 -3.31 4.52 4.15
C ILE A 71 -2.13 5.38 4.53
N ASN A 72 -1.04 5.31 3.74
CA ASN A 72 0.15 6.07 4.07
C ASN A 72 -0.12 7.56 4.07
N VAL A 73 -0.79 8.05 3.02
CA VAL A 73 -1.06 9.49 2.94
C VAL A 73 -1.95 9.95 4.11
N SER A 74 -2.94 9.15 4.44
CA SER A 74 -3.80 9.49 5.59
C SER A 74 -3.01 9.45 6.92
N ASN A 75 -2.21 8.39 7.11
CA ASN A 75 -1.34 8.31 8.30
C ASN A 75 -0.42 9.51 8.41
N ASN A 76 0.17 9.95 7.28
CA ASN A 76 1.12 11.07 7.33
C ASN A 76 0.42 12.33 7.82
N GLU A 77 -0.80 12.55 7.32
CA GLU A 77 -1.58 13.71 7.78
C GLU A 77 -1.87 13.60 9.28
N LEU A 78 -2.30 12.42 9.72
CA LEU A 78 -2.56 12.23 11.17
C LEU A 78 -1.30 12.49 11.99
N CYS A 79 -0.12 12.02 11.51
CA CYS A 79 1.14 12.28 12.22
C CYS A 79 1.44 13.77 12.31
N TYR A 80 1.16 14.52 11.23
CA TYR A 80 1.37 15.96 11.28
C TYR A 80 0.37 16.64 12.23
N GLN A 81 -0.90 16.18 12.21
CA GLN A 81 -1.86 16.70 13.16
C GLN A 81 -1.40 16.43 14.60
N LEU A 82 -0.86 15.24 14.85
CA LEU A 82 -0.34 14.92 16.18
C LEU A 82 0.77 15.91 16.58
N LYS A 83 1.71 16.17 15.67
CA LYS A 83 2.74 17.19 15.93
C LYS A 83 2.12 18.53 16.34
N GLN A 84 1.05 18.96 15.66
CA GLN A 84 0.44 20.24 16.03
C GLN A 84 -0.18 20.18 17.42
N VAL A 85 -0.89 19.09 17.71
CA VAL A 85 -1.53 19.00 19.04
C VAL A 85 -0.46 19.00 20.13
N LEU A 86 0.64 18.28 19.89
CA LEU A 86 1.75 18.29 20.87
C LEU A 86 2.41 19.66 21.01
N ALA A 87 2.56 20.42 19.90
CA ALA A 87 3.04 21.79 20.00
C ALA A 87 2.09 22.64 20.84
N ARG A 88 0.79 22.49 20.62
CA ARG A 88 -0.18 23.25 21.44
C ARG A 88 -0.13 22.82 22.90
N LYS A 89 0.08 21.54 23.14
CA LYS A 89 0.16 21.08 24.53
C LYS A 89 1.31 21.78 25.26
N GLU A 90 2.48 21.82 24.63
CA GLU A 90 3.62 22.44 25.29
C GLU A 90 3.34 23.92 25.55
N ASP A 91 2.69 24.58 24.59
CA ASP A 91 2.35 25.98 24.75
C ASP A 91 1.34 26.19 25.87
N LEU A 92 0.32 25.33 25.98
CA LEU A 92 -0.67 25.45 27.05
C LEU A 92 0.01 25.26 28.39
N ASN A 93 0.91 24.28 28.48
CA ASN A 93 1.65 24.13 29.74
C ASN A 93 2.42 25.39 30.13
N GLN A 94 3.10 26.01 29.16
CA GLN A 94 3.88 27.22 29.47
C GLN A 94 2.97 28.38 29.86
N GLN A 95 1.87 28.54 29.14
CA GLN A 95 0.96 29.62 29.48
C GLN A 95 0.39 29.43 30.88
N ILE A 96 0.08 28.19 31.26
CA ILE A 96 -0.43 27.93 32.61
C ILE A 96 0.61 28.34 33.63
N ILE A 97 1.87 27.97 33.39
CA ILE A 97 2.95 28.40 34.29
C ILE A 97 3.02 29.93 34.38
N SER A 98 3.00 30.63 33.24
CA SER A 98 3.16 32.10 33.28
C SER A 98 2.00 32.75 34.00
N VAL A 99 0.78 32.28 33.74
CA VAL A 99 -0.37 32.88 34.41
C VAL A 99 -0.29 32.62 35.92
N ARG A 100 0.08 31.39 36.32
CA ARG A 100 0.24 31.13 37.76
C ARG A 100 1.30 32.04 38.38
N ASN A 101 2.44 32.22 37.72
CA ASN A 101 3.49 33.11 38.22
C ASN A 101 2.96 34.54 38.40
N GLU A 102 2.11 34.97 37.46
CA GLU A 102 1.53 36.30 37.53
C GLU A 102 0.62 36.41 38.73
N ILE A 103 -0.21 35.39 38.96
CA ILE A 103 -1.09 35.43 40.11
C ILE A 103 -0.29 35.47 41.39
N GLN A 104 0.80 34.72 41.44
CA GLN A 104 1.64 34.68 42.63
C GLN A 104 2.19 36.06 42.95
N GLU A 105 2.53 36.83 41.91
CA GLU A 105 3.16 38.15 42.15
C GLU A 105 2.15 39.27 42.44
N LEU A 106 0.91 39.14 41.94
CA LEU A 106 -0.13 40.15 42.12
C LEU A 106 -0.99 39.89 43.34
N LYS A 107 -0.89 38.71 43.93
CA LYS A 107 -1.72 38.27 45.06
C LYS A 107 -1.55 39.10 46.34
N SER B 1 12.56 1.55 -25.84
CA SER B 1 13.63 0.54 -25.66
C SER B 1 13.47 -0.20 -24.33
N VAL B 2 13.01 0.46 -23.26
CA VAL B 2 12.94 -0.24 -21.94
C VAL B 2 11.78 -1.22 -21.98
N ARG B 3 12.05 -2.49 -21.72
CA ARG B 3 11.05 -3.55 -21.74
C ARG B 3 10.51 -3.74 -20.33
N PRO B 4 9.23 -4.14 -20.23
CA PRO B 4 8.58 -4.24 -18.91
C PRO B 4 9.26 -5.14 -17.91
N TRP B 5 9.99 -6.17 -18.36
CA TRP B 5 10.69 -7.03 -17.41
C TRP B 5 11.98 -6.42 -16.86
N GLU B 6 12.47 -5.31 -17.40
CA GLU B 6 13.72 -4.71 -16.87
C GLU B 6 13.40 -3.81 -15.68
N PHE B 7 13.12 -4.43 -14.53
CA PHE B 7 12.59 -3.70 -13.40
C PHE B 7 13.53 -2.59 -12.93
N ARG B 8 14.85 -2.85 -12.90
CA ARG B 8 15.75 -1.83 -12.37
C ARG B 8 15.64 -0.55 -13.18
N LYS B 9 15.62 -0.72 -14.50
CA LYS B 9 15.52 0.41 -15.41
C LYS B 9 14.17 1.09 -15.33
N VAL B 10 13.07 0.29 -15.29
CA VAL B 10 11.72 0.89 -15.22
C VAL B 10 11.61 1.73 -13.98
N ILE B 11 12.03 1.17 -12.84
CA ILE B 11 11.91 1.85 -11.57
C ILE B 11 12.68 3.17 -11.59
N GLN B 12 13.92 3.15 -12.09
CA GLN B 12 14.67 4.40 -12.08
C GLN B 12 14.00 5.45 -13.00
N ALA B 13 13.49 5.00 -14.15
CA ALA B 13 12.79 5.93 -15.04
C ALA B 13 11.52 6.52 -14.39
N GLU B 14 10.77 5.68 -13.68
CA GLU B 14 9.51 6.13 -13.05
C GLU B 14 9.79 7.15 -11.96
N TYR B 15 10.84 6.90 -11.17
CA TYR B 15 11.17 7.91 -10.18
C TYR B 15 11.52 9.24 -10.86
N ARG B 16 12.35 9.16 -11.90
CA ARG B 16 12.82 10.37 -12.59
C ARG B 16 11.68 11.16 -13.24
N GLU B 17 10.62 10.47 -13.67
CA GLU B 17 9.45 11.10 -14.30
C GLU B 17 8.63 11.86 -13.26
N ARG B 18 8.69 11.41 -12.00
CA ARG B 18 7.75 11.86 -10.97
C ARG B 18 8.34 12.92 -10.04
N LEU B 19 9.67 13.01 -9.91
CA LEU B 19 10.25 13.84 -8.82
C LEU B 19 11.40 14.63 -9.41
N PRO B 20 11.58 15.87 -8.96
CA PRO B 20 12.67 16.67 -9.49
C PRO B 20 14.01 16.09 -9.08
N ARG B 21 15.01 16.56 -9.76
CA ARG B 21 16.40 16.22 -9.49
C ARG B 21 16.78 16.82 -8.16
N ASN B 22 16.96 16.00 -7.14
CA ASN B 22 17.53 16.48 -5.89
C ASN B 22 18.14 15.30 -5.16
N TYR B 23 18.66 15.58 -3.96
CA TYR B 23 19.51 14.62 -3.25
C TYR B 23 18.84 13.25 -3.19
N GLU B 24 17.54 13.23 -2.88
CA GLU B 24 16.81 11.96 -2.67
C GLU B 24 17.03 10.93 -3.80
N LEU B 25 17.37 11.36 -5.02
CA LEU B 25 17.51 10.43 -6.13
C LEU B 25 18.99 10.21 -6.48
N LYS B 26 19.88 10.33 -5.49
CA LYS B 26 21.33 10.27 -5.70
C LYS B 26 22.01 9.04 -5.07
N HIS B 27 21.49 8.52 -3.96
CA HIS B 27 21.87 7.23 -3.40
C HIS B 27 20.76 6.21 -3.58
N TRP B 28 21.16 4.96 -3.85
CA TRP B 28 20.27 3.85 -4.21
C TRP B 28 20.72 2.58 -3.49
N LYS B 29 19.76 1.73 -3.15
CA LYS B 29 19.97 0.55 -2.30
C LYS B 29 19.02 -0.54 -2.79
N LYS B 30 19.48 -1.80 -2.72
CA LYS B 30 18.60 -2.94 -2.95
C LYS B 30 17.53 -3.01 -1.85
N PRO B 31 16.35 -3.53 -2.19
CA PRO B 31 15.23 -3.54 -1.23
C PRO B 31 15.44 -4.56 -0.10
N SER B 32 14.75 -4.30 1.04
CA SER B 32 14.72 -5.21 2.22
C SER B 32 13.88 -6.44 1.92
N LYS B 33 14.08 -7.49 2.72
CA LYS B 33 13.27 -8.72 2.59
C LYS B 33 11.79 -8.42 2.84
N ILE B 34 11.47 -7.50 3.74
CA ILE B 34 10.03 -7.28 4.06
C ILE B 34 9.37 -6.52 2.90
N MET B 35 10.11 -5.65 2.22
CA MET B 35 9.54 -5.01 1.01
C MET B 35 9.29 -6.10 -0.04
N ILE B 36 10.31 -6.91 -0.30
CA ILE B 36 10.12 -8.02 -1.27
C ILE B 36 8.97 -8.92 -0.80
N GLY B 37 9.02 -9.34 0.45
CA GLY B 37 7.96 -10.18 0.99
C GLY B 37 6.59 -9.53 0.94
N SER B 38 6.48 -8.23 1.28
CA SER B 38 5.18 -7.58 1.26
C SER B 38 4.65 -7.56 -0.15
N ILE B 39 5.53 -7.21 -1.10
CA ILE B 39 5.03 -7.10 -2.49
C ILE B 39 4.65 -8.50 -3.02
N LEU B 40 5.46 -9.51 -2.70
CA LEU B 40 5.14 -10.85 -3.23
C LEU B 40 3.93 -11.41 -2.53
N ARG B 41 3.73 -11.08 -1.25
CA ARG B 41 2.49 -11.51 -0.60
C ARG B 41 1.26 -10.88 -1.23
N LEU B 42 1.32 -9.60 -1.58
CA LEU B 42 0.23 -9.00 -2.36
C LEU B 42 0.00 -9.76 -3.65
N LEU B 43 1.10 -10.05 -4.37
CA LEU B 43 0.97 -10.74 -5.66
C LEU B 43 0.38 -12.15 -5.48
N GLU B 44 0.86 -12.87 -4.49
CA GLU B 44 0.32 -14.22 -4.21
C GLU B 44 -1.15 -14.19 -3.80
N THR B 45 -1.51 -13.28 -2.90
CA THR B 45 -2.91 -13.10 -2.49
C THR B 45 -3.77 -12.93 -3.72
N ASN B 46 -3.36 -12.02 -4.60
CA ASN B 46 -4.19 -11.73 -5.76
C ASN B 46 -4.14 -12.86 -6.76
N THR B 47 -3.06 -13.62 -6.77
CA THR B 47 -2.94 -14.71 -7.73
C THR B 47 -3.89 -15.85 -7.36
N VAL B 48 -3.88 -16.23 -6.08
CA VAL B 48 -4.84 -17.23 -5.56
C VAL B 48 -6.27 -16.75 -5.77
N SER B 49 -6.56 -15.50 -5.39
CA SER B 49 -7.89 -14.95 -5.58
C SER B 49 -8.32 -14.99 -7.04
N ALA B 50 -7.43 -14.57 -7.95
CA ALA B 50 -7.74 -14.64 -9.39
C ALA B 50 -8.00 -16.05 -9.86
N LEU B 51 -7.17 -16.99 -9.41
CA LEU B 51 -7.35 -18.37 -9.82
C LEU B 51 -8.75 -18.86 -9.45
N ASP B 52 -9.16 -18.60 -8.21
CA ASP B 52 -10.49 -19.07 -7.79
C ASP B 52 -11.61 -18.33 -8.52
N SER B 53 -11.59 -17.01 -8.49
CA SER B 53 -12.39 -16.12 -9.32
C SER B 53 -12.59 -16.65 -10.74
N VAL B 54 -11.48 -16.85 -11.47
CA VAL B 54 -11.57 -17.14 -12.89
C VAL B 54 -12.08 -18.56 -13.12
N PHE B 55 -11.64 -19.52 -12.30
CA PHE B 55 -12.07 -20.87 -12.58
C PHE B 55 -13.55 -21.04 -12.25
N GLU B 56 -14.02 -20.35 -11.21
CA GLU B 56 -15.45 -20.40 -10.94
C GLU B 56 -16.24 -19.76 -12.08
N LYS B 57 -15.75 -18.63 -12.61
CA LYS B 57 -16.50 -17.95 -13.67
C LYS B 57 -16.67 -18.83 -14.91
N TYR B 58 -15.64 -19.61 -15.26
CA TYR B 58 -15.67 -20.41 -16.48
C TYR B 58 -15.87 -21.89 -16.17
N GLU B 59 -16.53 -22.20 -15.05
CA GLU B 59 -16.75 -23.59 -14.65
C GLU B 59 -17.51 -24.37 -15.71
N LYS B 60 -18.62 -23.80 -16.21
CA LYS B 60 -19.46 -24.56 -17.13
C LYS B 60 -18.74 -24.80 -18.45
N GLU B 61 -18.11 -23.74 -19.00
CA GLU B 61 -17.31 -23.88 -20.22
C GLU B 61 -16.21 -24.91 -20.01
N MET B 62 -15.54 -24.85 -18.86
CA MET B 62 -14.52 -25.82 -18.49
C MET B 62 -15.07 -27.24 -18.52
N ASN B 63 -16.10 -27.48 -17.71
CA ASN B 63 -16.71 -28.80 -17.56
C ASN B 63 -17.28 -29.34 -18.86
N GLN B 64 -17.64 -28.45 -19.79
CA GLN B 64 -18.13 -28.84 -21.09
C GLN B 64 -17.01 -29.10 -22.07
N MET B 65 -15.83 -28.52 -21.85
CA MET B 65 -14.67 -28.88 -22.66
C MET B 65 -13.92 -30.10 -22.13
N THR B 66 -14.08 -30.44 -20.85
CA THR B 66 -13.43 -31.62 -20.30
C THR B 66 -14.36 -32.84 -20.28
N HIS B 67 -15.59 -32.68 -20.78
CA HIS B 67 -16.60 -33.75 -20.82
C HIS B 67 -16.84 -34.34 -19.43
N GLY B 68 -16.85 -33.47 -18.42
CA GLY B 68 -17.18 -33.85 -17.07
C GLY B 68 -16.01 -34.35 -16.25
N ASP B 69 -14.84 -34.47 -16.86
CA ASP B 69 -13.64 -34.91 -16.16
C ASP B 69 -13.13 -33.80 -15.25
N ASN B 70 -13.59 -33.80 -13.98
CA ASN B 70 -13.15 -32.81 -13.01
C ASN B 70 -11.70 -33.02 -12.58
N ASN B 71 -11.16 -34.22 -12.75
CA ASN B 71 -9.74 -34.46 -12.51
C ASN B 71 -8.88 -33.69 -13.51
N GLU B 72 -9.27 -33.69 -14.79
CA GLU B 72 -8.57 -32.86 -15.77
C GLU B 72 -8.67 -31.37 -15.44
N VAL B 73 -9.80 -30.95 -14.84
CA VAL B 73 -9.95 -29.54 -14.47
C VAL B 73 -8.99 -29.19 -13.36
N LYS B 74 -8.86 -30.06 -12.35
CA LYS B 74 -7.88 -29.83 -11.29
C LYS B 74 -6.47 -29.80 -11.87
N ARG B 75 -6.22 -30.64 -12.87
CA ARG B 75 -4.92 -30.62 -13.55
C ARG B 75 -4.67 -29.28 -14.24
N ILE B 76 -5.68 -28.71 -14.88
CA ILE B 76 -5.50 -27.45 -15.60
C ILE B 76 -5.29 -26.32 -14.60
N TYR B 77 -6.06 -26.35 -13.51
CA TYR B 77 -5.82 -25.46 -12.41
C TYR B 77 -4.36 -25.51 -11.96
N SER B 78 -3.83 -26.71 -11.85
CA SER B 78 -2.46 -26.82 -11.38
C SER B 78 -1.47 -26.31 -12.42
N LYS B 79 -1.77 -26.54 -13.71
CA LYS B 79 -0.91 -26.00 -14.76
C LYS B 79 -0.85 -24.47 -14.70
N LYS B 80 -2.02 -23.83 -14.57
CA LYS B 80 -2.07 -22.37 -14.47
C LYS B 80 -1.38 -21.88 -13.19
N GLU B 81 -1.58 -22.58 -12.07
CA GLU B 81 -0.84 -22.24 -10.86
C GLU B 81 0.65 -22.23 -11.12
N ARG B 82 1.15 -23.25 -11.81
CA ARG B 82 2.57 -23.34 -12.12
C ARG B 82 3.04 -22.21 -13.02
N LEU B 83 2.25 -21.86 -14.03
CA LEU B 83 2.61 -20.73 -14.88
C LEU B 83 2.77 -19.46 -14.03
N LEU B 84 1.80 -19.23 -13.14
CA LEU B 84 1.84 -18.00 -12.36
C LEU B 84 3.00 -18.00 -11.38
N GLU B 85 3.30 -19.14 -10.76
CA GLU B 85 4.46 -19.21 -9.87
C GLU B 85 5.76 -18.94 -10.61
N ILE B 86 5.89 -19.42 -11.85
CA ILE B 86 7.13 -19.15 -12.60
C ILE B 86 7.22 -17.64 -12.87
N ILE B 87 6.08 -17.03 -13.20
CA ILE B 87 6.07 -15.58 -13.37
C ILE B 87 6.44 -14.86 -12.07
N LEU B 88 5.83 -15.24 -10.95
CA LEU B 88 6.09 -14.60 -9.65
C LEU B 88 7.52 -14.80 -9.21
N THR B 89 8.09 -15.95 -9.55
CA THR B 89 9.48 -16.21 -9.24
C THR B 89 10.38 -15.24 -9.99
N LYS B 90 10.06 -14.94 -11.27
CA LYS B 90 10.88 -13.95 -11.97
C LYS B 90 10.61 -12.53 -11.47
N ILE B 91 9.37 -12.23 -11.11
CA ILE B 91 9.11 -10.92 -10.51
C ILE B 91 9.98 -10.73 -9.26
N LYS B 92 9.99 -11.73 -8.38
CA LYS B 92 10.77 -11.64 -7.15
C LYS B 92 12.26 -11.50 -7.46
N LYS B 93 12.78 -12.32 -8.38
CA LYS B 93 14.19 -12.23 -8.76
C LYS B 93 14.53 -10.82 -9.29
N LYS B 94 13.72 -10.30 -10.21
CA LYS B 94 14.02 -8.96 -10.77
C LYS B 94 13.82 -7.80 -9.77
N LEU B 95 12.87 -7.93 -8.86
CA LEU B 95 12.71 -6.90 -7.84
C LEU B 95 13.86 -6.91 -6.84
N ARG B 96 14.33 -8.10 -6.45
CA ARG B 96 15.49 -8.18 -5.54
C ARG B 96 16.71 -7.49 -6.11
N GLN B 97 16.86 -7.51 -7.44
CA GLN B 97 17.96 -6.96 -8.20
C GLN B 97 17.78 -5.49 -8.54
N ALA B 98 16.61 -4.92 -8.26
CA ALA B 98 16.40 -3.52 -8.55
C ALA B 98 16.89 -2.66 -7.38
N LYS B 99 16.97 -1.35 -7.60
CA LYS B 99 17.39 -0.44 -6.54
C LYS B 99 16.37 0.68 -6.34
N PHE B 100 16.33 1.19 -5.13
CA PHE B 100 15.37 2.19 -4.70
C PHE B 100 16.13 3.28 -3.97
N PRO B 101 15.61 4.50 -3.95
CA PRO B 101 16.32 5.57 -3.24
C PRO B 101 16.49 5.18 -1.77
N SER B 102 17.65 5.50 -1.21
CA SER B 102 17.87 5.01 0.14
C SER B 102 17.01 5.75 1.16
N ARG B 103 16.47 6.91 0.83
CA ARG B 103 15.72 7.55 1.90
C ARG B 103 14.30 7.04 1.99
N ILE B 104 13.87 6.09 1.13
CA ILE B 104 12.48 5.68 1.29
C ILE B 104 12.32 4.79 2.50
N SER B 105 11.09 4.69 2.96
CA SER B 105 10.71 3.82 4.05
C SER B 105 9.98 2.60 3.44
N GLU B 106 10.72 1.55 3.25
CA GLU B 106 10.15 0.36 2.61
C GLU B 106 9.05 -0.28 3.45
N ARG B 107 9.10 -0.10 4.78
CA ARG B 107 8.01 -0.62 5.62
C ARG B 107 6.66 -0.02 5.25
N ASP B 108 6.63 1.15 4.59
CA ASP B 108 5.36 1.68 4.11
C ASP B 108 4.63 0.76 3.20
N LEU B 109 5.30 -0.25 2.61
CA LEU B 109 4.59 -1.18 1.71
C LEU B 109 4.03 -2.37 2.45
N ASP B 110 4.24 -2.45 3.79
CA ASP B 110 3.85 -3.62 4.57
C ASP B 110 2.52 -3.26 5.28
N ILE B 111 1.42 -3.90 4.85
CA ILE B 111 0.09 -3.56 5.42
C ILE B 111 0.08 -3.81 6.93
N GLU B 112 0.80 -4.84 7.40
CA GLU B 112 0.85 -5.08 8.85
C GLU B 112 1.44 -3.90 9.60
N TYR B 113 2.53 -3.35 9.07
CA TYR B 113 3.16 -2.21 9.69
C TYR B 113 2.27 -0.98 9.66
N ILE B 114 1.79 -0.58 8.46
CA ILE B 114 1.08 0.69 8.39
C ILE B 114 -0.29 0.60 9.11
N TYR B 115 -0.87 -0.60 9.18
CA TYR B 115 -2.13 -0.79 9.90
C TYR B 115 -1.88 -0.62 11.41
N SER B 116 -0.80 -1.24 11.90
CA SER B 116 -0.53 -1.12 13.35
C SER B 116 -0.12 0.29 13.69
N LYS B 117 0.64 0.97 12.78
CA LYS B 117 0.98 2.35 13.04
C LYS B 117 -0.30 3.22 13.10
N ARG B 118 -1.23 2.98 12.16
CA ARG B 118 -2.41 3.82 12.15
C ARG B 118 -3.20 3.65 13.45
N GLN B 119 -3.37 2.42 13.92
CA GLN B 119 -4.17 2.23 15.16
C GLN B 119 -3.51 2.99 16.30
N PHE B 120 -2.18 2.89 16.38
CA PHE B 120 -1.48 3.58 17.47
C PHE B 120 -1.57 5.09 17.37
N ILE B 121 -1.34 5.66 16.19
CA ILE B 121 -1.36 7.10 16.09
C ILE B 121 -2.80 7.65 16.31
N GLN B 122 -3.84 6.91 15.88
CA GLN B 122 -5.22 7.31 16.20
C GLN B 122 -5.42 7.37 17.70
N ASN B 123 -4.96 6.31 18.40
CA ASN B 123 -5.12 6.35 19.86
C ASN B 123 -4.32 7.46 20.50
N ARG B 124 -3.10 7.66 20.03
CA ARG B 124 -2.28 8.72 20.62
C ARG B 124 -2.92 10.09 20.40
N TYR B 125 -3.46 10.33 19.19
CA TYR B 125 -4.13 11.60 18.90
C TYR B 125 -5.29 11.82 19.85
N SER B 126 -6.14 10.78 20.03
CA SER B 126 -7.27 10.96 20.92
C SER B 126 -6.83 11.29 22.35
N GLN B 127 -5.72 10.65 22.83
CA GLN B 127 -5.26 10.94 24.20
C GLN B 127 -4.78 12.38 24.30
N GLU B 128 -4.03 12.83 23.25
CA GLU B 128 -3.48 14.20 23.36
C GLU B 128 -4.55 15.26 23.21
N LEU B 129 -5.55 15.03 22.38
CA LEU B 129 -6.66 15.98 22.28
CA LEU B 129 -6.64 15.99 22.28
C LEU B 129 -7.33 16.14 23.62
N GLN B 130 -7.61 15.03 24.31
CA GLN B 130 -8.22 15.17 25.62
C GLN B 130 -7.34 15.90 26.62
N ASN B 131 -6.02 15.65 26.57
CA ASN B 131 -5.13 16.39 27.43
C ASN B 131 -5.16 17.88 27.13
N ASN B 132 -5.26 18.27 25.85
CA ASN B 132 -5.35 19.70 25.58
C ASN B 132 -6.68 20.27 26.03
N GLU B 133 -7.75 19.47 25.94
CA GLU B 133 -9.05 19.94 26.42
C GLU B 133 -8.96 20.29 27.92
N ARG B 134 -8.33 19.41 28.68
CA ARG B 134 -8.15 19.62 30.10
C ARG B 134 -7.25 20.85 30.39
N LEU B 135 -6.12 20.95 29.68
CA LEU B 135 -5.23 22.10 29.88
C LEU B 135 -5.93 23.41 29.52
N GLU B 136 -6.76 23.41 28.48
CA GLU B 136 -7.54 24.61 28.14
C GLU B 136 -8.43 24.99 29.30
N ALA B 137 -9.09 24.00 29.92
CA ALA B 137 -9.93 24.31 31.09
C ALA B 137 -9.11 24.87 32.25
N ILE B 138 -7.96 24.24 32.55
CA ILE B 138 -7.10 24.74 33.62
C ILE B 138 -6.65 26.18 33.34
N LEU B 139 -6.18 26.43 32.11
CA LEU B 139 -5.75 27.76 31.71
C LEU B 139 -6.86 28.77 31.91
N SER B 140 -8.08 28.42 31.48
CA SER B 140 -9.23 29.31 31.68
C SER B 140 -9.45 29.61 33.15
N ARG B 141 -9.42 28.57 34.00
CA ARG B 141 -9.56 28.79 35.43
C ARG B 141 -8.49 29.77 35.96
N GLU B 142 -7.24 29.57 35.55
CA GLU B 142 -6.16 30.46 36.01
C GLU B 142 -6.36 31.88 35.48
N GLN B 143 -6.78 32.03 34.24
CA GLN B 143 -6.94 33.37 33.67
C GLN B 143 -8.04 34.13 34.38
N ASN B 144 -9.12 33.42 34.74
CA ASN B 144 -10.15 34.05 35.57
C ASN B 144 -9.59 34.50 36.90
N LEU B 145 -8.82 33.62 37.55
CA LEU B 145 -8.18 34.01 38.81
C LEU B 145 -7.26 35.22 38.65
N LEU B 146 -6.52 35.28 37.56
CA LEU B 146 -5.65 36.43 37.32
C LEU B 146 -6.45 37.72 37.13
N GLU B 147 -7.55 37.66 36.37
CA GLU B 147 -8.39 38.85 36.20
C GLU B 147 -8.93 39.33 37.53
N GLU B 148 -9.35 38.43 38.40
CA GLU B 148 -9.81 38.89 39.71
C GLU B 148 -8.68 39.50 40.53
N THR B 149 -7.49 38.90 40.43
CA THR B 149 -6.33 39.38 41.19
C THR B 149 -5.84 40.74 40.70
N ARG B 150 -5.91 40.98 39.39
CA ARG B 150 -5.52 42.27 38.82
C ARG B 150 -6.41 43.40 39.32
N LYS B 151 -7.65 43.08 39.68
CA LYS B 151 -8.60 44.03 40.23
C LYS B 151 -8.53 44.13 41.75
N LEU B 152 -7.72 43.26 42.40
CA LEU B 152 -7.55 43.11 43.87
C LEU B 152 -8.91 42.91 44.51
N GLN C 1 -15.83 0.70 3.28
CA GLN C 1 -15.80 2.09 2.83
C GLN C 1 -14.59 2.85 3.39
N SER C 2 -14.51 2.99 4.73
CA SER C 2 -13.45 3.78 5.39
C SER C 2 -12.02 3.30 5.04
N ILE C 3 -11.04 4.15 5.29
CA ILE C 3 -9.62 3.75 5.07
C ILE C 3 -9.30 2.57 6.00
N ASN C 4 -9.72 2.68 7.25
CA ASN C 4 -9.47 1.57 8.22
C ASN C 4 -10.17 0.29 7.74
N ASP C 5 -11.38 0.42 7.23
CA ASP C 5 -12.13 -0.76 6.70
C ASP C 5 -11.32 -1.39 5.57
N ARG C 6 -10.88 -0.54 4.64
CA ARG C 6 -10.10 -1.06 3.52
C ARG C 6 -8.79 -1.67 3.99
N ALA C 7 -8.13 -0.98 4.93
CA ALA C 7 -6.87 -1.48 5.48
C ALA C 7 -7.04 -2.84 6.14
N LEU C 8 -8.07 -2.98 6.98
CA LEU C 8 -8.30 -4.24 7.67
C LEU C 8 -8.64 -5.33 6.70
N SER C 9 -9.39 -5.01 5.65
CA SER C 9 -9.73 -6.02 4.68
C SER C 9 -8.49 -6.54 3.94
N LEU C 10 -7.61 -5.61 3.55
CA LEU C 10 -6.36 -6.03 2.91
C LEU C 10 -5.48 -6.86 3.87
N LEU C 11 -5.37 -6.42 5.12
CA LEU C 11 -4.61 -7.13 6.13
C LEU C 11 -5.12 -8.56 6.30
N GLN C 12 -6.45 -8.70 6.43
CA GLN C 12 -7.04 -10.03 6.52
C GLN C 12 -6.75 -10.89 5.28
N ARG C 13 -6.93 -10.32 4.08
CA ARG C 13 -6.67 -11.13 2.88
C ARG C 13 -5.20 -11.57 2.78
N THR C 14 -4.24 -10.67 3.09
CA THR C 14 -2.85 -11.08 3.02
C THR C 14 -2.50 -12.11 4.09
N ARG C 15 -3.12 -12.03 5.29
CA ARG C 15 -2.82 -13.01 6.35
C ARG C 15 -3.38 -14.37 6.01
N ALA C 16 -4.50 -14.41 5.28
CA ALA C 16 -5.11 -15.67 4.92
C ALA C 16 -4.32 -16.41 3.85
N THR C 17 -3.37 -15.75 3.18
CA THR C 17 -2.49 -16.34 2.19
C THR C 17 -1.24 -16.92 2.87
N LYS C 18 -0.86 -18.13 2.51
CA LYS C 18 0.34 -18.80 3.06
C LYS C 18 0.36 -18.82 4.59
S SO4 D . -16.19 -13.83 -22.19
O1 SO4 D . -16.93 -14.83 -22.95
O2 SO4 D . -15.63 -14.46 -20.99
O3 SO4 D . -17.08 -12.75 -21.75
O4 SO4 D . -15.13 -13.28 -23.04
S SO4 E . 18.24 12.54 -12.55
O1 SO4 E . 18.60 11.12 -12.71
O2 SO4 E . 17.40 12.70 -11.38
O3 SO4 E . 19.50 13.34 -12.51
O4 SO4 E . 17.62 12.95 -13.81
S SO4 F . 23.23 -2.61 -1.68
O1 SO4 F . 24.23 -1.98 -0.82
O2 SO4 F . 23.77 -3.87 -2.19
O3 SO4 F . 23.00 -1.76 -2.85
O4 SO4 F . 21.98 -2.82 -0.93
S SO4 G . -1.03 11.06 29.92
O1 SO4 G . -1.01 9.68 29.52
O2 SO4 G . -0.83 11.30 31.35
O3 SO4 G . -2.39 11.46 29.53
O4 SO4 G . -0.14 11.87 29.10
S SO4 H . 16.84 -4.73 -15.44
O1 SO4 H . 18.29 -5.06 -15.13
O2 SO4 H . 15.99 -5.31 -14.31
O3 SO4 H . 16.73 -3.31 -15.31
O4 SO4 H . 16.52 -5.48 -16.59
S SO4 I . -10.69 5.64 9.47
O1 SO4 I . -9.30 5.25 9.55
O2 SO4 I . -11.18 5.83 10.82
O3 SO4 I . -11.00 7.02 9.03
O4 SO4 I . -11.41 4.67 8.69
#